data_2ART
#
_entry.id   2ART
#
_cell.length_a   108.459
_cell.length_b   62.715
_cell.length_c   46.408
_cell.angle_alpha   90.00
_cell.angle_beta   111.10
_cell.angle_gamma   90.00
#
_symmetry.space_group_name_H-M   'C 1 2 1'
#
loop_
_entity.id
_entity.type
_entity.pdbx_description
1 polymer 'Lipoate-protein ligase A'
2 non-polymer 'MAGNESIUM ION'
3 non-polymer 'LIPOIC ACID'
4 non-polymer 'ADENOSINE MONOPHOSPHATE'
5 water water
#
_entity_poly.entity_id   1
_entity_poly.type   'polypeptide(L)'
_entity_poly.pdbx_seq_one_letter_code
;MEGRLLLLETPGNTRMSLAYDEAIYRSFQYGDKPILRFYRHDRSVIIGYFQVAEEEVDLDYMKKNGIMLARRYTGGGAVY
HDLGDLNFSVVRSSDDMDITSMFRTMNEAVVNSLRILGLDARPGELNDVSIPVNKKTDIMAGEKKIMGAAGAMRKGAKLW
HAAMLVHTDLDMLSAVLKVPDEKFRDKIAKSTRERVANVTDFVDVSIDEVRNALIRGFSETLHIDFREDTITEKEESLAR
ELFDKKYSTEEWNMGLLRKEVV
;
_entity_poly.pdbx_strand_id   A
#
loop_
_chem_comp.id
_chem_comp.type
_chem_comp.name
_chem_comp.formula
AMP non-polymer 'ADENOSINE MONOPHOSPHATE' 'C10 H14 N5 O7 P'
LPA non-polymer 'LIPOIC ACID' 'C8 H14 O2 S2'
MG non-polymer 'MAGNESIUM ION' 'Mg 2'
#
# COMPACT_ATOMS: atom_id res chain seq x y z
N MET A 1 23.64 -3.90 2.76
CA MET A 1 22.99 -3.21 3.92
C MET A 1 22.52 -1.82 3.53
N GLU A 2 22.70 -1.46 2.25
CA GLU A 2 22.28 -0.16 1.76
C GLU A 2 21.04 -0.29 0.85
N GLY A 3 20.13 0.67 0.94
CA GLY A 3 18.93 0.59 0.12
C GLY A 3 18.50 1.89 -0.53
N ARG A 4 17.45 1.81 -1.33
CA ARG A 4 16.93 2.95 -2.06
C ARG A 4 15.60 3.46 -1.52
N LEU A 5 15.58 4.73 -1.14
CA LEU A 5 14.38 5.36 -0.65
C LEU A 5 13.83 6.17 -1.82
N LEU A 6 12.67 5.76 -2.35
CA LEU A 6 12.07 6.45 -3.49
C LEU A 6 10.79 7.20 -3.12
N LEU A 7 10.87 8.52 -3.13
CA LEU A 7 9.73 9.37 -2.86
C LEU A 7 9.10 9.62 -4.23
N LEU A 8 8.80 8.51 -4.92
CA LEU A 8 8.21 8.51 -6.25
C LEU A 8 6.71 8.60 -6.11
N GLU A 9 6.18 9.77 -6.43
CA GLU A 9 4.76 10.03 -6.26
C GLU A 9 4.09 10.54 -7.53
N THR A 10 2.80 10.22 -7.67
CA THR A 10 2.03 10.67 -8.83
C THR A 10 0.57 10.90 -8.46
N PRO A 11 0.32 11.74 -7.43
CA PRO A 11 -1.08 11.96 -7.10
C PRO A 11 -1.75 12.47 -8.37
N GLY A 12 -3.07 12.43 -8.42
CA GLY A 12 -3.73 12.90 -9.60
C GLY A 12 -3.89 11.77 -10.60
N ASN A 13 -2.95 10.83 -10.59
CA ASN A 13 -3.02 9.69 -11.50
C ASN A 13 -2.63 8.40 -10.79
N THR A 14 -3.56 7.86 -10.02
CA THR A 14 -3.32 6.63 -9.27
C THR A 14 -2.85 5.49 -10.18
N ARG A 15 -3.47 5.36 -11.35
CA ARG A 15 -3.10 4.30 -12.28
C ARG A 15 -1.63 4.34 -12.70
N MET A 16 -1.06 5.54 -12.85
CA MET A 16 0.35 5.64 -13.22
C MET A 16 1.20 5.31 -11.99
N SER A 17 0.69 5.70 -10.82
CA SER A 17 1.39 5.42 -9.58
C SER A 17 1.54 3.92 -9.36
N LEU A 18 0.45 3.17 -9.57
CA LEU A 18 0.51 1.72 -9.42
C LEU A 18 1.42 1.11 -10.48
N ALA A 19 1.47 1.73 -11.66
CA ALA A 19 2.33 1.25 -12.72
C ALA A 19 3.79 1.38 -12.27
N TYR A 20 4.10 2.48 -11.57
CA TYR A 20 5.46 2.68 -11.07
C TYR A 20 5.80 1.57 -10.11
N ASP A 21 4.85 1.25 -9.23
CA ASP A 21 5.01 0.21 -8.23
C ASP A 21 5.40 -1.13 -8.86
N GLU A 22 4.58 -1.59 -9.79
CA GLU A 22 4.83 -2.87 -10.44
C GLU A 22 6.12 -2.81 -11.24
N ALA A 23 6.44 -1.63 -11.75
CA ALA A 23 7.67 -1.47 -12.54
C ALA A 23 8.91 -1.66 -11.66
N ILE A 24 8.94 -1.02 -10.50
CA ILE A 24 10.11 -1.18 -9.63
C ILE A 24 10.19 -2.61 -9.15
N TYR A 25 9.03 -3.25 -9.01
CA TYR A 25 9.01 -4.63 -8.59
C TYR A 25 9.52 -5.55 -9.71
N ARG A 26 8.96 -5.43 -10.91
CA ARG A 26 9.37 -6.28 -12.01
C ARG A 26 10.77 -6.07 -12.58
N SER A 27 11.33 -4.88 -12.41
CA SER A 27 12.68 -4.61 -12.93
C SER A 27 13.74 -5.16 -11.99
N PHE A 28 13.38 -5.22 -10.72
CA PHE A 28 14.28 -5.70 -9.69
C PHE A 28 14.92 -7.04 -10.03
N GLN A 29 16.22 -7.13 -9.83
CA GLN A 29 16.92 -8.38 -10.08
C GLN A 29 17.55 -8.79 -8.76
N TYR A 30 17.70 -10.10 -8.58
CA TYR A 30 18.29 -10.62 -7.35
C TYR A 30 19.64 -9.94 -7.09
N GLY A 31 19.81 -9.39 -5.89
CA GLY A 31 21.06 -8.73 -5.56
C GLY A 31 21.03 -7.22 -5.64
N ASP A 32 20.00 -6.67 -6.28
CA ASP A 32 19.87 -5.21 -6.37
C ASP A 32 19.68 -4.62 -4.98
N LYS A 33 19.74 -3.30 -4.89
CA LYS A 33 19.54 -2.62 -3.62
C LYS A 33 18.07 -2.72 -3.25
N PRO A 34 17.77 -3.04 -1.98
CA PRO A 34 16.38 -3.14 -1.53
C PRO A 34 15.71 -1.80 -1.78
N ILE A 35 14.39 -1.79 -1.99
CA ILE A 35 13.68 -0.55 -2.25
C ILE A 35 12.53 -0.29 -1.28
N LEU A 36 12.41 0.96 -0.87
CA LEU A 36 11.32 1.41 0.01
C LEU A 36 10.77 2.66 -0.69
N ARG A 37 9.49 2.61 -1.05
CA ARG A 37 8.87 3.72 -1.75
C ARG A 37 7.68 4.28 -1.00
N PHE A 38 7.55 5.61 -1.01
CA PHE A 38 6.44 6.29 -0.36
C PHE A 38 5.65 7.07 -1.41
N TYR A 39 4.33 6.99 -1.37
CA TYR A 39 3.51 7.70 -2.33
C TYR A 39 2.10 7.91 -1.82
N ARG A 40 1.42 8.90 -2.37
CA ARG A 40 0.05 9.23 -2.00
C ARG A 40 -0.79 9.31 -3.26
N HIS A 41 -2.08 9.06 -3.12
CA HIS A 41 -3.02 9.14 -4.24
C HIS A 41 -4.12 10.09 -3.81
N ASP A 42 -4.72 10.80 -4.76
CA ASP A 42 -5.82 11.68 -4.43
C ASP A 42 -7.00 10.73 -4.36
N ARG A 43 -8.18 11.22 -3.97
CA ARG A 43 -9.37 10.39 -3.84
C ARG A 43 -9.41 9.24 -4.86
N SER A 44 -9.19 8.03 -4.37
CA SER A 44 -9.16 6.85 -5.21
C SER A 44 -9.64 5.60 -4.49
N VAL A 45 -10.06 4.62 -5.28
CA VAL A 45 -10.48 3.34 -4.74
C VAL A 45 -9.60 2.34 -5.46
N ILE A 46 -8.89 1.51 -4.71
CA ILE A 46 -8.00 0.54 -5.32
C ILE A 46 -8.44 -0.88 -5.00
N ILE A 47 -8.77 -1.64 -6.04
CA ILE A 47 -9.21 -3.00 -5.84
C ILE A 47 -8.07 -3.99 -6.06
N GLY A 48 -8.26 -5.18 -5.51
CA GLY A 48 -7.25 -6.22 -5.63
C GLY A 48 -7.27 -6.91 -6.98
N TYR A 49 -6.22 -7.69 -7.23
CA TYR A 49 -6.08 -8.41 -8.48
C TYR A 49 -7.27 -9.31 -8.82
N PHE A 50 -7.76 -10.06 -7.84
CA PHE A 50 -8.88 -10.96 -8.10
C PHE A 50 -10.24 -10.31 -7.92
N GLN A 51 -10.28 -8.98 -7.85
CA GLN A 51 -11.56 -8.30 -7.66
C GLN A 51 -12.18 -7.67 -8.90
N VAL A 52 -13.51 -7.49 -8.81
CA VAL A 52 -14.31 -6.87 -9.86
C VAL A 52 -14.87 -5.56 -9.30
N ALA A 53 -14.53 -4.46 -9.96
CA ALA A 53 -14.94 -3.13 -9.53
C ALA A 53 -16.41 -2.98 -9.12
N GLU A 54 -17.33 -3.38 -9.99
CA GLU A 54 -18.75 -3.23 -9.68
C GLU A 54 -19.21 -4.05 -8.47
N GLU A 55 -18.38 -4.98 -8.01
CA GLU A 55 -18.72 -5.82 -6.86
C GLU A 55 -18.18 -5.22 -5.56
N GLU A 56 -17.24 -4.29 -5.68
CA GLU A 56 -16.64 -3.69 -4.51
C GLU A 56 -17.00 -2.22 -4.30
N VAL A 57 -17.30 -1.53 -5.39
CA VAL A 57 -17.64 -0.11 -5.31
C VAL A 57 -18.86 0.28 -6.13
N ASP A 58 -19.34 1.50 -5.88
CA ASP A 58 -20.49 2.03 -6.61
C ASP A 58 -19.97 2.97 -7.70
N LEU A 59 -20.01 2.50 -8.94
CA LEU A 59 -19.53 3.28 -10.07
C LEU A 59 -20.21 4.65 -10.17
N ASP A 60 -21.18 4.90 -9.29
CA ASP A 60 -21.90 6.16 -9.29
C ASP A 60 -21.32 7.10 -8.25
N TYR A 61 -21.28 6.65 -7.00
CA TYR A 61 -20.73 7.47 -5.94
C TYR A 61 -19.38 8.02 -6.38
N MET A 62 -18.57 7.15 -6.97
CA MET A 62 -17.25 7.53 -7.46
C MET A 62 -17.36 8.49 -8.63
N LYS A 63 -18.28 8.20 -9.53
CA LYS A 63 -18.52 9.03 -10.70
C LYS A 63 -18.84 10.44 -10.20
N LYS A 64 -19.91 10.52 -9.42
CA LYS A 64 -20.39 11.79 -8.87
C LYS A 64 -19.43 12.50 -7.92
N ASN A 65 -18.51 11.76 -7.32
CA ASN A 65 -17.58 12.38 -6.38
C ASN A 65 -16.14 12.51 -6.88
N GLY A 66 -15.94 12.27 -8.17
CA GLY A 66 -14.62 12.38 -8.75
C GLY A 66 -13.60 11.43 -8.14
N ILE A 67 -14.05 10.24 -7.77
CA ILE A 67 -13.17 9.23 -7.18
C ILE A 67 -12.55 8.40 -8.29
N MET A 68 -11.22 8.35 -8.33
CA MET A 68 -10.53 7.56 -9.34
C MET A 68 -10.63 6.08 -9.02
N LEU A 69 -10.76 5.26 -10.05
CA LEU A 69 -10.82 3.82 -9.91
C LEU A 69 -9.54 3.20 -10.48
N ALA A 70 -8.97 2.24 -9.77
CA ALA A 70 -7.74 1.57 -10.21
C ALA A 70 -7.59 0.20 -9.54
N ARG A 71 -7.01 -0.74 -10.28
CA ARG A 71 -6.80 -2.10 -9.80
C ARG A 71 -5.31 -2.37 -9.68
N ARG A 72 -4.87 -2.82 -8.51
CA ARG A 72 -3.46 -3.11 -8.32
C ARG A 72 -3.14 -4.53 -8.75
N TYR A 73 -1.84 -4.83 -8.87
CA TYR A 73 -1.40 -6.15 -9.30
C TYR A 73 -1.36 -7.19 -8.18
N THR A 74 -1.48 -6.76 -6.94
CA THR A 74 -1.47 -7.69 -5.81
C THR A 74 -2.88 -8.05 -5.39
N GLY A 75 -3.02 -9.21 -4.74
CA GLY A 75 -4.32 -9.64 -4.28
C GLY A 75 -4.81 -8.81 -3.10
N GLY A 76 -5.89 -9.25 -2.46
CA GLY A 76 -6.41 -8.52 -1.33
C GLY A 76 -7.71 -7.79 -1.64
N GLY A 77 -8.22 -7.08 -0.64
CA GLY A 77 -9.47 -6.36 -0.80
C GLY A 77 -9.38 -4.93 -1.31
N ALA A 78 -10.53 -4.28 -1.37
CA ALA A 78 -10.65 -2.91 -1.85
C ALA A 78 -10.45 -1.84 -0.78
N VAL A 79 -9.63 -0.84 -1.08
CA VAL A 79 -9.39 0.25 -0.14
C VAL A 79 -9.56 1.61 -0.79
N TYR A 80 -9.82 2.59 0.07
CA TYR A 80 -10.03 3.98 -0.36
C TYR A 80 -8.81 4.80 0.03
N HIS A 81 -8.31 5.58 -0.93
CA HIS A 81 -7.15 6.43 -0.68
C HIS A 81 -7.46 7.89 -0.94
N ASP A 82 -6.77 8.77 -0.21
CA ASP A 82 -6.86 10.21 -0.40
C ASP A 82 -5.53 10.71 0.10
N LEU A 83 -5.26 12.00 -0.03
CA LEU A 83 -3.98 12.52 0.41
C LEU A 83 -3.73 12.34 1.89
N GLY A 84 -4.74 11.85 2.60
CA GLY A 84 -4.59 11.62 4.02
C GLY A 84 -4.13 10.19 4.29
N ASP A 85 -3.95 9.43 3.21
CA ASP A 85 -3.50 8.05 3.30
C ASP A 85 -2.04 7.99 2.83
N LEU A 86 -1.21 7.26 3.58
CA LEU A 86 0.18 7.12 3.20
C LEU A 86 0.48 5.69 2.79
N ASN A 87 0.80 5.50 1.52
CA ASN A 87 1.11 4.18 1.02
C ASN A 87 2.62 4.03 0.90
N PHE A 88 3.11 2.80 0.95
CA PHE A 88 4.54 2.55 0.85
C PHE A 88 4.87 1.13 0.43
N SER A 89 5.90 0.98 -0.40
CA SER A 89 6.28 -0.34 -0.90
C SER A 89 7.69 -0.78 -0.55
N VAL A 90 7.85 -2.10 -0.46
CA VAL A 90 9.13 -2.70 -0.15
C VAL A 90 9.41 -3.80 -1.17
N VAL A 91 10.60 -3.74 -1.77
CA VAL A 91 11.01 -4.74 -2.76
C VAL A 91 12.42 -5.18 -2.39
N ARG A 92 12.59 -6.49 -2.16
CA ARG A 92 13.88 -7.04 -1.79
C ARG A 92 14.12 -8.36 -2.50
N SER A 93 15.38 -8.77 -2.54
CA SER A 93 15.73 -10.04 -3.17
C SER A 93 15.06 -11.13 -2.32
N SER A 94 14.69 -12.24 -2.96
CA SER A 94 14.04 -13.33 -2.25
C SER A 94 14.69 -14.68 -2.50
N ASP A 95 14.84 -15.46 -1.43
CA ASP A 95 15.45 -16.78 -1.52
C ASP A 95 14.44 -17.87 -1.19
N ASP A 96 13.18 -17.50 -1.05
CA ASP A 96 12.13 -18.47 -0.74
C ASP A 96 10.77 -17.94 -1.17
N MET A 97 9.73 -18.73 -0.90
CA MET A 97 8.37 -18.35 -1.27
C MET A 97 7.51 -18.11 -0.02
N ASP A 98 8.17 -18.00 1.13
CA ASP A 98 7.49 -17.80 2.42
C ASP A 98 6.83 -16.43 2.56
N ILE A 99 5.54 -16.36 2.23
CA ILE A 99 4.77 -15.12 2.31
C ILE A 99 4.54 -14.63 3.75
N THR A 100 4.26 -15.57 4.65
CA THR A 100 4.00 -15.22 6.05
C THR A 100 5.14 -14.42 6.69
N SER A 101 6.37 -14.83 6.46
CA SER A 101 7.50 -14.14 7.03
C SER A 101 7.64 -12.71 6.50
N MET A 102 7.32 -12.50 5.24
CA MET A 102 7.43 -11.17 4.68
C MET A 102 6.50 -10.25 5.45
N PHE A 103 5.23 -10.64 5.52
CA PHE A 103 4.22 -9.87 6.24
C PHE A 103 4.59 -9.72 7.71
N ARG A 104 5.11 -10.80 8.29
CA ARG A 104 5.50 -10.80 9.69
C ARG A 104 6.63 -9.81 9.94
N THR A 105 7.64 -9.85 9.07
CA THR A 105 8.78 -8.95 9.21
C THR A 105 8.42 -7.48 8.93
N MET A 106 7.56 -7.24 7.94
CA MET A 106 7.18 -5.87 7.61
C MET A 106 6.31 -5.24 8.71
N ASN A 107 5.45 -6.04 9.34
CA ASN A 107 4.60 -5.55 10.42
C ASN A 107 5.45 -5.19 11.63
N GLU A 108 6.50 -5.96 11.88
CA GLU A 108 7.37 -5.67 13.01
C GLU A 108 8.00 -4.28 12.82
N ALA A 109 8.30 -3.95 11.57
CA ALA A 109 8.90 -2.66 11.25
C ALA A 109 7.86 -1.56 11.43
N VAL A 110 6.63 -1.82 10.99
CA VAL A 110 5.57 -0.84 11.13
C VAL A 110 5.31 -0.57 12.61
N VAL A 111 5.25 -1.63 13.40
CA VAL A 111 5.00 -1.51 14.83
C VAL A 111 6.11 -0.71 15.52
N ASN A 112 7.35 -1.00 15.18
CA ASN A 112 8.48 -0.29 15.77
C ASN A 112 8.49 1.16 15.32
N SER A 113 7.96 1.41 14.13
CA SER A 113 7.90 2.76 13.57
C SER A 113 6.87 3.60 14.29
N LEU A 114 5.67 3.04 14.40
CA LEU A 114 4.57 3.75 15.04
C LEU A 114 4.87 4.01 16.51
N ARG A 115 5.66 3.15 17.13
CA ARG A 115 6.01 3.33 18.54
C ARG A 115 6.80 4.61 18.75
N ILE A 116 7.61 4.98 17.77
CA ILE A 116 8.41 6.19 17.85
C ILE A 116 7.48 7.40 18.01
N LEU A 117 6.29 7.29 17.43
CA LEU A 117 5.33 8.38 17.48
C LEU A 117 4.35 8.25 18.64
N GLY A 118 4.62 7.31 19.53
CA GLY A 118 3.78 7.12 20.69
C GLY A 118 2.53 6.31 20.43
N LEU A 119 2.42 5.75 19.24
CA LEU A 119 1.24 4.96 18.88
C LEU A 119 1.55 3.46 18.99
N ASP A 120 0.90 2.79 19.93
CA ASP A 120 1.10 1.38 20.15
C ASP A 120 0.11 0.54 19.33
N ALA A 121 0.58 -0.04 18.24
CA ALA A 121 -0.27 -0.84 17.38
C ALA A 121 0.19 -2.29 17.30
N ARG A 122 -0.63 -3.14 16.71
CA ARG A 122 -0.30 -4.57 16.60
C ARG A 122 -0.91 -5.18 15.35
N PRO A 123 -0.37 -6.32 14.91
CA PRO A 123 -0.91 -6.97 13.72
C PRO A 123 -2.21 -7.70 14.06
N GLY A 124 -3.07 -7.89 13.06
CA GLY A 124 -4.32 -8.60 13.29
C GLY A 124 -4.02 -10.04 13.66
N GLU A 125 -5.06 -10.84 13.89
CA GLU A 125 -4.81 -12.22 14.29
C GLU A 125 -5.34 -13.34 13.41
N LEU A 126 -6.31 -13.04 12.55
CA LEU A 126 -6.91 -14.06 11.69
C LEU A 126 -6.32 -14.27 10.30
N ASN A 127 -6.39 -15.51 9.83
CA ASN A 127 -5.93 -15.88 8.49
C ASN A 127 -7.17 -16.09 7.63
N ASP A 128 -7.81 -15.00 7.25
CA ASP A 128 -9.00 -15.06 6.42
C ASP A 128 -9.02 -13.82 5.54
N VAL A 129 -8.60 -14.00 4.30
CA VAL A 129 -8.53 -12.91 3.32
C VAL A 129 -9.89 -12.27 3.05
N SER A 130 -10.98 -12.96 3.35
CA SER A 130 -12.31 -12.41 3.07
C SER A 130 -12.81 -11.43 4.13
N ILE A 131 -12.19 -11.41 5.30
CA ILE A 131 -12.64 -10.49 6.34
C ILE A 131 -11.92 -9.15 6.21
N PRO A 132 -12.65 -8.04 6.35
CA PRO A 132 -12.08 -6.68 6.25
C PRO A 132 -10.98 -6.30 7.23
N VAL A 133 -11.10 -6.71 8.49
CA VAL A 133 -10.08 -6.34 9.46
C VAL A 133 -9.63 -7.51 10.33
N ASN A 134 -8.67 -7.23 11.22
CA ASN A 134 -8.13 -8.20 12.15
C ASN A 134 -7.36 -9.37 11.52
N LYS A 135 -6.87 -9.16 10.30
CA LYS A 135 -6.10 -10.20 9.63
C LYS A 135 -4.64 -10.03 10.01
N LYS A 136 -3.82 -11.04 9.78
CA LYS A 136 -2.41 -10.92 10.09
C LYS A 136 -1.71 -9.94 9.16
N THR A 137 -2.38 -9.52 8.08
CA THR A 137 -1.78 -8.56 7.16
C THR A 137 -2.22 -7.16 7.53
N ASP A 138 -3.09 -7.05 8.53
CA ASP A 138 -3.60 -5.76 8.99
C ASP A 138 -2.87 -5.30 10.25
N ILE A 139 -2.77 -4.00 10.43
CA ILE A 139 -2.16 -3.43 11.62
C ILE A 139 -3.26 -2.70 12.36
N MET A 140 -3.53 -3.11 13.59
CA MET A 140 -4.58 -2.51 14.36
C MET A 140 -4.05 -1.62 15.48
N ALA A 141 -4.84 -0.61 15.82
CA ALA A 141 -4.53 0.31 16.91
C ALA A 141 -5.82 0.22 17.72
N GLY A 142 -5.72 -0.23 18.96
CA GLY A 142 -6.93 -0.38 19.73
C GLY A 142 -7.73 -1.46 19.03
N GLU A 143 -9.01 -1.21 18.78
CA GLU A 143 -9.84 -2.21 18.11
C GLU A 143 -10.12 -1.79 16.69
N LYS A 144 -9.40 -0.77 16.22
CA LYS A 144 -9.60 -0.23 14.89
C LYS A 144 -8.49 -0.59 13.93
N LYS A 145 -8.79 -0.61 12.64
CA LYS A 145 -7.79 -0.91 11.62
C LYS A 145 -7.25 0.41 11.09
N ILE A 146 -5.92 0.53 11.02
CA ILE A 146 -5.28 1.75 10.53
C ILE A 146 -4.41 1.51 9.29
N MET A 147 -4.13 0.24 9.01
CA MET A 147 -3.31 -0.10 7.85
C MET A 147 -3.58 -1.51 7.34
N GLY A 148 -3.70 -1.63 6.01
CA GLY A 148 -3.90 -2.92 5.38
C GLY A 148 -2.70 -3.12 4.45
N ALA A 149 -2.44 -4.38 4.07
CA ALA A 149 -1.32 -4.65 3.18
C ALA A 149 -1.54 -5.83 2.23
N ALA A 150 -0.68 -5.95 1.23
CA ALA A 150 -0.75 -7.02 0.24
C ALA A 150 0.64 -7.29 -0.29
N GLY A 151 0.83 -8.38 -1.00
CA GLY A 151 2.15 -8.67 -1.51
C GLY A 151 2.22 -9.65 -2.66
N ALA A 152 3.40 -9.77 -3.25
CA ALA A 152 3.62 -10.66 -4.38
C ALA A 152 5.04 -11.24 -4.31
N MET A 153 5.19 -12.45 -4.82
CA MET A 153 6.49 -13.10 -4.81
C MET A 153 6.75 -13.77 -6.14
N ARG A 154 8.00 -13.67 -6.62
CA ARG A 154 8.40 -14.31 -7.85
C ARG A 154 9.86 -14.73 -7.65
N LYS A 155 10.38 -15.56 -8.54
CA LYS A 155 11.76 -16.02 -8.41
C LYS A 155 12.71 -14.85 -8.30
N GLY A 156 13.46 -14.79 -7.20
CA GLY A 156 14.42 -13.71 -7.02
C GLY A 156 13.93 -12.46 -6.31
N ALA A 157 12.61 -12.26 -6.20
CA ALA A 157 12.10 -11.06 -5.54
C ALA A 157 10.73 -11.21 -4.89
N LYS A 158 10.47 -10.34 -3.91
CA LYS A 158 9.21 -10.31 -3.18
C LYS A 158 8.77 -8.86 -3.05
N LEU A 159 7.46 -8.62 -3.03
CA LEU A 159 6.93 -7.26 -2.91
C LEU A 159 5.86 -7.17 -1.83
N TRP A 160 5.90 -6.07 -1.09
CA TRP A 160 4.96 -5.83 -0.01
C TRP A 160 4.67 -4.34 0.04
N HIS A 161 3.41 -3.96 -0.10
CA HIS A 161 3.01 -2.56 -0.02
C HIS A 161 1.76 -2.42 0.84
N ALA A 162 1.65 -1.30 1.54
CA ALA A 162 0.51 -1.08 2.42
C ALA A 162 -0.10 0.31 2.30
N ALA A 163 -1.30 0.43 2.86
CA ALA A 163 -2.04 1.70 2.86
C ALA A 163 -2.31 2.04 4.32
N MET A 164 -1.79 3.18 4.77
CA MET A 164 -2.00 3.59 6.15
C MET A 164 -2.82 4.87 6.26
N LEU A 165 -3.92 4.80 6.99
CA LEU A 165 -4.79 5.95 7.18
C LEU A 165 -4.15 6.89 8.21
N VAL A 166 -3.76 8.08 7.75
CA VAL A 166 -3.14 9.09 8.62
C VAL A 166 -4.18 10.14 8.98
N HIS A 167 -4.75 10.79 7.97
CA HIS A 167 -5.82 11.76 8.20
C HIS A 167 -6.82 11.73 7.04
N THR A 168 -7.14 10.53 6.62
CA THR A 168 -8.09 10.28 5.54
C THR A 168 -9.53 10.54 5.98
N ASP A 169 -10.37 10.90 5.02
CA ASP A 169 -11.78 11.13 5.34
C ASP A 169 -12.41 9.75 5.46
N LEU A 170 -12.53 9.26 6.69
CA LEU A 170 -13.10 7.93 6.93
C LEU A 170 -14.57 7.80 6.50
N ASP A 171 -15.33 8.87 6.63
CA ASP A 171 -16.74 8.83 6.23
C ASP A 171 -16.82 8.59 4.74
N MET A 172 -15.89 9.19 4.02
CA MET A 172 -15.81 9.07 2.58
C MET A 172 -15.50 7.61 2.22
N LEU A 173 -14.48 7.06 2.87
CA LEU A 173 -14.08 5.68 2.62
C LEU A 173 -15.21 4.70 2.90
N SER A 174 -15.93 4.92 4.00
CA SER A 174 -17.03 4.03 4.36
C SER A 174 -18.17 4.09 3.36
N ALA A 175 -18.51 5.30 2.92
CA ALA A 175 -19.59 5.48 1.96
C ALA A 175 -19.34 4.83 0.61
N VAL A 176 -18.08 4.83 0.17
CA VAL A 176 -17.75 4.28 -1.14
C VAL A 176 -17.47 2.78 -1.19
N LEU A 177 -17.06 2.19 -0.07
CA LEU A 177 -16.76 0.76 -0.07
C LEU A 177 -17.96 -0.14 0.23
N LYS A 178 -18.23 -1.07 -0.67
CA LYS A 178 -19.33 -2.02 -0.50
C LYS A 178 -18.82 -3.18 0.32
N VAL A 179 -19.42 -3.43 1.48
CA VAL A 179 -18.96 -4.53 2.30
C VAL A 179 -20.11 -5.32 2.93
N PRO A 180 -20.56 -4.86 4.10
CA PRO A 180 -21.65 -5.51 4.83
C PRO A 180 -21.09 -6.69 5.64
N SER A 191 -20.96 0.62 9.84
CA SER A 191 -20.18 -0.45 10.47
C SER A 191 -18.72 -0.33 10.05
N THR A 192 -18.49 -0.09 8.76
CA THR A 192 -17.15 0.07 8.23
C THR A 192 -16.50 1.29 8.89
N ARG A 193 -17.32 2.32 9.09
CA ARG A 193 -16.88 3.56 9.71
C ARG A 193 -16.43 3.26 11.14
N GLU A 194 -17.03 2.23 11.73
CA GLU A 194 -16.73 1.85 13.11
C GLU A 194 -15.58 0.86 13.25
N ARG A 195 -14.98 0.45 12.14
CA ARG A 195 -13.88 -0.50 12.25
C ARG A 195 -12.53 0.06 11.85
N VAL A 196 -12.53 1.26 11.28
CA VAL A 196 -11.29 1.90 10.86
C VAL A 196 -10.96 3.12 11.72
N ALA A 197 -9.74 3.61 11.60
CA ALA A 197 -9.31 4.79 12.34
C ALA A 197 -8.07 5.39 11.69
N ASN A 198 -7.86 6.68 11.93
CA ASN A 198 -6.72 7.40 11.42
C ASN A 198 -5.64 7.43 12.49
N VAL A 199 -4.38 7.45 12.07
CA VAL A 199 -3.28 7.52 13.02
C VAL A 199 -3.44 8.79 13.87
N THR A 200 -3.98 9.84 13.25
CA THR A 200 -4.17 11.11 13.92
C THR A 200 -5.33 11.14 14.90
N ASP A 201 -6.16 10.10 14.91
CA ASP A 201 -7.25 10.05 15.87
C ASP A 201 -6.57 9.76 17.20
N PHE A 202 -5.34 9.26 17.11
CA PHE A 202 -4.55 8.91 18.28
C PHE A 202 -3.48 9.94 18.61
N VAL A 203 -2.63 10.23 17.63
CA VAL A 203 -1.55 11.19 17.81
C VAL A 203 -1.51 12.26 16.73
N ASP A 204 -1.22 13.49 17.15
CA ASP A 204 -1.16 14.61 16.22
C ASP A 204 0.20 14.66 15.51
N VAL A 205 0.32 13.89 14.43
CA VAL A 205 1.55 13.83 13.65
C VAL A 205 1.22 14.07 12.18
N SER A 206 2.19 14.52 11.40
CA SER A 206 1.96 14.78 9.97
C SER A 206 2.41 13.62 9.11
N ILE A 207 2.00 13.65 7.83
CA ILE A 207 2.40 12.60 6.90
C ILE A 207 3.92 12.45 6.92
N ASP A 208 4.64 13.57 6.87
CA ASP A 208 6.10 13.50 6.88
C ASP A 208 6.60 12.84 8.16
N GLU A 209 5.98 13.19 9.29
CA GLU A 209 6.38 12.59 10.55
C GLU A 209 6.18 11.08 10.50
N VAL A 210 5.06 10.66 9.95
CA VAL A 210 4.76 9.23 9.83
C VAL A 210 5.74 8.58 8.85
N ARG A 211 5.94 9.23 7.70
CA ARG A 211 6.88 8.70 6.71
C ARG A 211 8.27 8.58 7.30
N ASN A 212 8.71 9.62 8.02
CA ASN A 212 10.04 9.61 8.62
C ASN A 212 10.18 8.55 9.71
N ALA A 213 9.08 8.23 10.37
CA ALA A 213 9.09 7.21 11.43
C ALA A 213 9.27 5.85 10.78
N LEU A 214 8.55 5.64 9.68
CA LEU A 214 8.60 4.38 8.95
C LEU A 214 10.00 4.17 8.36
N ILE A 215 10.62 5.23 7.86
CA ILE A 215 11.96 5.10 7.30
C ILE A 215 12.88 4.54 8.39
N ARG A 216 12.79 5.08 9.60
CA ARG A 216 13.62 4.60 10.70
C ARG A 216 13.27 3.18 11.06
N GLY A 217 11.98 2.92 11.27
CA GLY A 217 11.53 1.59 11.64
C GLY A 217 12.01 0.52 10.68
N PHE A 218 11.76 0.72 9.40
CA PHE A 218 12.18 -0.25 8.41
C PHE A 218 13.69 -0.38 8.33
N SER A 219 14.40 0.74 8.46
CA SER A 219 15.86 0.68 8.41
C SER A 219 16.41 -0.12 9.59
N GLU A 220 15.89 0.14 10.78
CA GLU A 220 16.33 -0.54 11.98
C GLU A 220 15.93 -2.02 12.01
N THR A 221 14.68 -2.30 11.65
CA THR A 221 14.18 -3.66 11.65
C THR A 221 14.82 -4.52 10.58
N LEU A 222 14.93 -3.99 9.37
CA LEU A 222 15.51 -4.73 8.27
C LEU A 222 17.03 -4.56 8.18
N HIS A 223 17.56 -3.65 8.97
CA HIS A 223 19.01 -3.39 8.96
C HIS A 223 19.47 -2.95 7.58
N ILE A 224 18.72 -2.01 7.00
CA ILE A 224 19.00 -1.45 5.69
C ILE A 224 19.08 0.06 5.80
N ASP A 225 20.16 0.64 5.29
CA ASP A 225 20.33 2.08 5.32
C ASP A 225 19.74 2.68 4.03
N PHE A 226 18.44 2.97 4.08
CA PHE A 226 17.72 3.54 2.95
C PHE A 226 18.10 4.99 2.69
N ARG A 227 18.84 5.22 1.61
CA ARG A 227 19.27 6.56 1.25
C ARG A 227 18.42 7.06 0.08
N GLU A 228 17.87 8.26 0.23
CA GLU A 228 17.03 8.88 -0.79
C GLU A 228 17.67 8.73 -2.17
N ASP A 229 16.87 8.23 -3.12
CA ASP A 229 17.35 8.02 -4.49
C ASP A 229 16.24 8.35 -5.47
N THR A 230 16.52 8.17 -6.76
CA THR A 230 15.53 8.44 -7.80
C THR A 230 15.31 7.19 -8.63
N ILE A 231 14.17 7.14 -9.30
CA ILE A 231 13.83 6.01 -10.15
C ILE A 231 14.77 6.06 -11.36
N THR A 232 15.16 4.89 -11.88
CA THR A 232 16.06 4.85 -13.02
C THR A 232 15.26 4.97 -14.31
N GLU A 233 15.96 5.21 -15.42
CA GLU A 233 15.30 5.35 -16.72
C GLU A 233 14.69 4.01 -17.10
N LYS A 234 15.38 2.92 -16.76
CA LYS A 234 14.90 1.59 -17.08
C LYS A 234 13.54 1.35 -16.41
N GLU A 235 13.47 1.62 -15.11
CA GLU A 235 12.23 1.43 -14.36
C GLU A 235 11.18 2.41 -14.87
N GLU A 236 11.60 3.65 -15.11
CA GLU A 236 10.71 4.69 -15.60
C GLU A 236 10.10 4.32 -16.96
N SER A 237 10.83 3.54 -17.76
CA SER A 237 10.33 3.14 -19.07
C SER A 237 9.35 1.99 -18.95
N LEU A 238 9.68 1.04 -18.08
CA LEU A 238 8.80 -0.09 -17.86
C LEU A 238 7.46 0.39 -17.30
N ALA A 239 7.50 1.41 -16.45
CA ALA A 239 6.28 1.98 -15.85
C ALA A 239 5.42 2.60 -16.94
N ARG A 240 6.08 3.34 -17.84
CA ARG A 240 5.38 3.96 -18.94
C ARG A 240 4.73 2.90 -19.83
N GLU A 241 5.41 1.77 -20.00
CA GLU A 241 4.85 0.71 -20.83
C GLU A 241 3.72 -0.01 -20.08
N LEU A 242 3.89 -0.26 -18.79
CA LEU A 242 2.85 -0.94 -18.03
C LEU A 242 1.60 -0.07 -18.00
N PHE A 243 1.82 1.25 -17.97
CA PHE A 243 0.70 2.19 -17.96
C PHE A 243 -0.09 2.17 -19.28
N ASP A 244 0.61 2.49 -20.37
CA ASP A 244 -0.01 2.53 -21.68
C ASP A 244 -0.67 1.23 -22.09
N LYS A 245 -0.03 0.11 -21.78
CA LYS A 245 -0.57 -1.20 -22.14
C LYS A 245 -1.51 -1.84 -21.12
N LYS A 246 -1.56 -1.31 -19.90
CA LYS A 246 -2.42 -1.94 -18.92
C LYS A 246 -3.18 -1.02 -17.97
N TYR A 247 -2.47 -0.47 -16.99
CA TYR A 247 -3.10 0.40 -16.02
C TYR A 247 -3.95 1.54 -16.58
N SER A 248 -3.76 1.87 -17.85
CA SER A 248 -4.53 2.96 -18.47
C SER A 248 -5.80 2.43 -19.11
N THR A 249 -5.95 1.11 -19.18
CA THR A 249 -7.12 0.49 -19.79
C THR A 249 -8.29 0.20 -18.83
N GLU A 250 -9.49 0.19 -19.37
CA GLU A 250 -10.69 -0.06 -18.56
C GLU A 250 -10.80 -1.52 -18.18
N GLU A 251 -10.47 -2.41 -19.10
CA GLU A 251 -10.57 -3.83 -18.82
C GLU A 251 -9.75 -4.19 -17.60
N TRP A 252 -8.58 -3.56 -17.44
CA TRP A 252 -7.73 -3.87 -16.30
C TRP A 252 -8.29 -3.31 -14.99
N ASN A 253 -8.67 -2.04 -15.00
CA ASN A 253 -9.19 -1.38 -13.80
C ASN A 253 -10.60 -1.82 -13.40
N MET A 254 -11.31 -2.46 -14.32
CA MET A 254 -12.64 -2.95 -13.99
C MET A 254 -12.43 -4.34 -13.41
N GLY A 255 -11.29 -4.94 -13.77
CA GLY A 255 -10.95 -6.25 -13.27
C GLY A 255 -11.09 -7.40 -14.27
N LEU A 256 -11.24 -7.08 -15.54
CA LEU A 256 -11.40 -8.12 -16.58
C LEU A 256 -10.09 -8.69 -17.12
N LEU A 257 -9.05 -7.88 -17.21
CA LEU A 257 -7.76 -8.33 -17.72
C LEU A 257 -7.01 -9.22 -16.71
MG MG B . -4.34 -6.22 4.79
C1 LPA C . -6.41 -4.13 2.15
O1 LPA C . -5.93 -3.70 3.23
C2 LPA C . -5.57 -4.11 0.86
O2 LPA C . -7.70 -4.62 1.95
C3 LPA C . -4.15 -3.52 0.98
C4 LPA C . -3.99 -2.24 0.17
C5 LPA C . -2.52 -1.94 -0.13
C6 LPA C . -2.22 -0.52 -0.61
S6 LPA C . -0.74 -0.44 -1.40
C7 LPA C . -3.25 -0.18 -1.65
C8 LPA C . -2.73 0.17 -3.12
S8 LPA C . -1.12 -0.34 -3.37
P AMP D . -8.39 -5.76 2.92
O1P AMP D . -8.84 -6.91 2.13
O2P AMP D . -7.32 -6.19 4.00
O5' AMP D . -9.64 -5.17 3.72
C5' AMP D . -10.07 -3.92 3.42
C4' AMP D . -10.72 -3.05 4.45
O4' AMP D . -9.86 -2.06 4.99
C3' AMP D . -11.89 -2.23 3.92
O3' AMP D . -13.19 -2.65 3.52
C2' AMP D . -12.04 -1.22 4.98
O2' AMP D . -12.76 -1.67 6.16
C1' AMP D . -10.60 -0.84 5.35
N9 AMP D . -9.90 0.18 4.55
C8 AMP D . -10.28 0.91 3.47
N7 AMP D . -9.35 1.70 3.06
C5 AMP D . -8.28 1.56 3.85
C6 AMP D . -6.99 2.06 3.98
N6 AMP D . -6.63 2.96 3.11
N1 AMP D . -6.13 1.64 4.96
C2 AMP D . -6.47 0.69 5.89
N3 AMP D . -7.69 0.19 5.80
C4 AMP D . -8.62 0.56 4.84
#